data_4KAE
#
_entry.id   4KAE
#
_cell.length_a   63.508
_cell.length_b   80.498
_cell.length_c   87.689
_cell.angle_alpha   90.00
_cell.angle_beta   90.00
_cell.angle_gamma   90.00
#
_symmetry.space_group_name_H-M   'P 21 21 21'
#
loop_
_entity.id
_entity.type
_entity.pdbx_description
1 polymer 'Maleylacetoacetate isomerase'
2 non-polymer GAMMA-GLUTAMYL-S-(1,2-DICARBOXYETHYL)CYSTEINYLGLYCINE
3 non-polymer 'CITRIC ACID'
4 non-polymer GLYCEROL
5 water water
#
_entity_poly.entity_id   1
_entity_poly.type   'polypeptide(L)'
_entity_poly.pdbx_seq_one_letter_code
;MHHHHHHSSGVDLGTENLYFQSMTLRLYSYWRSSSAWRVRLGLALKGLAYEYRAVDLLAQEQFQAAHQARNPMSQVPVLE
VEEDGRTHLLVQSMAILEWLEERHPEPALLPPDLWGRARVRALAEHVNSGTQPMQNALVLRMLREKVPGWDREWARFFIA
RGLAALETAVRDGAGRFSHGDAPTLADCYLVPQLYNARRFGLDLEPYPTLRRVDEACAALAPFQAAHPDRQPDAPPPDRR
TP
;
_entity_poly.pdbx_strand_id   A,B
#
loop_
_chem_comp.id
_chem_comp.type
_chem_comp.name
_chem_comp.formula
CIT non-polymer 'CITRIC ACID' 'C6 H8 O7'
GOL non-polymer GLYCEROL 'C3 H8 O3'
TGG non-polymer GAMMA-GLUTAMYL-S-(1,2-DICARBOXYETHYL)CYSTEINYLGLYCINE 'C14 H21 N3 O10 S'
#
# COMPACT_ATOMS: atom_id res chain seq x y z
N LEU A 18 -2.09 23.23 -15.05
CA LEU A 18 -3.26 23.09 -15.96
C LEU A 18 -3.39 21.64 -16.40
N TYR A 19 -4.63 21.23 -16.60
CA TYR A 19 -4.98 19.92 -17.13
C TYR A 19 -4.77 19.98 -18.64
N PHE A 20 -3.53 20.18 -19.06
CA PHE A 20 -3.20 20.20 -20.49
C PHE A 20 -3.58 18.90 -21.10
N GLN A 21 -4.10 18.95 -22.33
CA GLN A 21 -4.92 17.85 -22.87
C GLN A 21 -4.07 16.98 -23.78
N SER A 22 -3.05 17.59 -24.35
CA SER A 22 -1.98 16.86 -25.00
C SER A 22 -0.95 16.44 -23.93
N MET A 23 -1.34 15.53 -23.04
CA MET A 23 -0.38 14.61 -22.39
C MET A 23 -0.34 13.31 -23.20
N THR A 24 0.86 12.81 -23.50
CA THR A 24 1.06 11.40 -23.85
C THR A 24 1.57 10.52 -22.68
N LEU A 25 1.18 9.28 -22.71
CA LEU A 25 1.43 8.36 -21.61
C LEU A 25 2.29 7.20 -22.10
N ARG A 26 3.27 6.84 -21.28
CA ARG A 26 4.10 5.66 -21.51
C ARG A 26 4.20 4.85 -20.22
N LEU A 27 3.75 3.61 -20.30
CA LEU A 27 3.81 2.72 -19.16
C LEU A 27 4.98 1.75 -19.26
N TYR A 28 5.83 1.78 -18.24
CA TYR A 28 6.85 0.75 -18.02
C TYR A 28 6.20 -0.42 -17.32
N SER A 29 6.14 -1.56 -18.03
CA SER A 29 5.33 -2.69 -17.62
C SER A 29 6.09 -3.97 -17.91
N TYR A 30 5.76 -5.00 -17.15
CA TYR A 30 6.17 -6.39 -17.41
C TYR A 30 4.87 -7.16 -17.52
N TRP A 31 4.79 -8.07 -18.49
CA TRP A 31 3.53 -8.71 -18.81
C TRP A 31 2.83 -9.25 -17.58
N ARG A 32 3.52 -9.98 -16.69
CA ARG A 32 2.81 -10.60 -15.55
C ARG A 32 3.11 -9.96 -14.20
N SER A 33 3.58 -8.74 -14.22
CA SER A 33 3.65 -7.96 -12.97
C SER A 33 2.28 -7.54 -12.51
N SER A 34 1.87 -8.00 -11.31
N SER A 34 1.90 -8.01 -11.32
CA SER A 34 0.54 -7.63 -10.80
CA SER A 34 0.60 -7.68 -10.75
C SER A 34 0.51 -6.15 -10.51
C SER A 34 0.51 -6.18 -10.52
N SER A 35 1.61 -5.57 -10.08
CA SER A 35 1.60 -4.13 -9.80
C SER A 35 1.39 -3.31 -11.08
N ALA A 36 2.02 -3.70 -12.18
CA ALA A 36 1.80 -3.04 -13.45
C ALA A 36 0.40 -3.28 -14.01
N TRP A 37 -0.09 -4.51 -13.89
CA TRP A 37 -1.43 -4.87 -14.33
C TRP A 37 -2.51 -3.97 -13.73
N ARG A 38 -2.38 -3.60 -12.45
CA ARG A 38 -3.34 -2.69 -11.83
C ARG A 38 -3.45 -1.41 -12.66
N VAL A 39 -2.31 -0.84 -13.03
CA VAL A 39 -2.27 0.39 -13.81
C VAL A 39 -2.81 0.19 -15.23
N ARG A 40 -2.48 -0.94 -15.86
CA ARG A 40 -3.08 -1.27 -17.14
C ARG A 40 -4.59 -1.26 -17.05
N LEU A 41 -5.14 -1.76 -15.95
CA LEU A 41 -6.58 -1.80 -15.74
C LEU A 41 -7.17 -0.39 -15.57
N GLY A 42 -6.53 0.47 -14.78
CA GLY A 42 -7.00 1.86 -14.68
C GLY A 42 -7.00 2.56 -16.01
N LEU A 43 -5.97 2.33 -16.80
CA LEU A 43 -5.84 2.97 -18.12
C LEU A 43 -6.93 2.46 -19.06
N ALA A 44 -7.12 1.14 -19.09
CA ALA A 44 -8.16 0.52 -19.95
C ALA A 44 -9.55 0.98 -19.57
N LEU A 45 -9.84 1.03 -18.29
CA LEU A 45 -11.18 1.35 -17.80
C LEU A 45 -11.49 2.82 -18.05
N LYS A 46 -10.48 3.66 -18.12
CA LYS A 46 -10.65 5.09 -18.43
C LYS A 46 -10.59 5.34 -19.94
N GLY A 47 -10.32 4.28 -20.68
CA GLY A 47 -10.24 4.42 -22.16
C GLY A 47 -9.08 5.25 -22.64
N LEU A 48 -7.95 5.16 -21.93
CA LEU A 48 -6.80 5.99 -22.18
C LEU A 48 -5.74 5.25 -22.97
N ALA A 49 -5.34 5.84 -24.10
CA ALA A 49 -4.29 5.26 -24.88
C ALA A 49 -2.94 5.48 -24.22
N TYR A 50 -2.06 4.50 -24.38
CA TYR A 50 -0.71 4.64 -23.90
C TYR A 50 0.26 3.77 -24.67
N GLU A 51 1.53 4.15 -24.59
CA GLU A 51 2.66 3.39 -25.15
C GLU A 51 3.16 2.40 -24.14
N TYR A 52 3.31 1.16 -24.57
CA TYR A 52 3.78 0.09 -23.69
C TYR A 52 5.29 0.00 -23.78
N ARG A 53 6.00 0.20 -22.67
CA ARG A 53 7.46 0.05 -22.64
C ARG A 53 7.77 -1.19 -21.80
N ALA A 54 8.22 -2.25 -22.45
CA ALA A 54 8.43 -3.49 -21.75
C ALA A 54 9.68 -3.37 -20.90
N VAL A 55 9.62 -3.98 -19.71
CA VAL A 55 10.74 -4.13 -18.82
C VAL A 55 10.84 -5.61 -18.47
N ASP A 56 11.90 -6.25 -18.98
CA ASP A 56 12.01 -7.68 -18.84
C ASP A 56 12.59 -8.04 -17.47
N LEU A 57 11.71 -8.27 -16.52
CA LEU A 57 12.14 -8.47 -15.16
C LEU A 57 12.83 -9.81 -15.01
N LEU A 58 12.49 -10.78 -15.86
CA LEU A 58 13.17 -12.09 -15.83
C LEU A 58 14.61 -11.90 -16.24
N ALA A 59 14.84 -11.16 -17.33
CA ALA A 59 16.19 -10.96 -17.84
C ALA A 59 16.99 -10.25 -16.77
N GLN A 60 16.36 -9.29 -16.09
CA GLN A 60 17.10 -8.51 -15.11
C GLN A 60 17.44 -9.36 -13.89
N GLU A 61 16.53 -10.24 -13.49
CA GLU A 61 16.77 -11.21 -12.42
C GLU A 61 17.94 -12.14 -12.76
N GLN A 62 17.94 -12.66 -13.98
CA GLN A 62 18.94 -13.65 -14.38
C GLN A 62 20.31 -12.98 -14.50
N PHE A 63 20.33 -11.77 -15.05
CA PHE A 63 21.57 -10.96 -15.23
C PHE A 63 22.16 -10.61 -13.85
N GLN A 64 21.30 -10.13 -12.94
CA GLN A 64 21.74 -9.76 -11.59
C GLN A 64 22.25 -10.95 -10.78
N ALA A 65 21.72 -12.14 -11.03
CA ALA A 65 22.17 -13.35 -10.35
C ALA A 65 23.57 -13.80 -10.82
N ALA A 66 23.65 -14.33 -12.04
CA ALA A 66 24.92 -14.80 -12.60
C ALA A 66 26.02 -13.72 -12.59
N HIS A 67 25.65 -12.48 -12.30
CA HIS A 67 26.58 -11.46 -11.80
C HIS A 67 27.22 -10.70 -12.96
N MET A 73 18.76 -1.31 -11.11
CA MET A 73 17.41 -0.92 -10.73
C MET A 73 16.58 -0.58 -11.97
N SER A 74 15.42 -1.24 -12.09
CA SER A 74 14.29 -0.70 -12.85
C SER A 74 12.96 -1.27 -12.34
N GLN A 75 12.09 -0.39 -11.86
CA GLN A 75 10.89 -0.83 -11.14
C GLN A 75 9.65 -0.61 -11.98
N VAL A 76 8.62 -1.36 -11.65
CA VAL A 76 7.46 -1.42 -12.47
C VAL A 76 6.25 -1.48 -11.53
N PRO A 77 5.23 -0.67 -11.76
CA PRO A 77 5.03 0.28 -12.86
C PRO A 77 5.71 1.62 -12.66
N VAL A 78 5.98 2.26 -13.79
CA VAL A 78 6.25 3.69 -13.87
C VAL A 78 5.40 4.24 -15.00
N LEU A 79 4.61 5.27 -14.72
CA LEU A 79 3.85 5.95 -15.77
C LEU A 79 4.54 7.25 -16.10
N GLU A 80 5.13 7.29 -17.30
CA GLU A 80 5.78 8.49 -17.81
C GLU A 80 4.78 9.36 -18.55
N VAL A 81 4.64 10.60 -18.10
CA VAL A 81 3.69 11.53 -18.65
C VAL A 81 4.47 12.66 -19.30
N GLU A 82 4.25 12.82 -20.59
CA GLU A 82 4.98 13.83 -21.35
C GLU A 82 3.99 14.87 -21.84
N GLU A 83 4.34 16.14 -21.63
CA GLU A 83 3.59 17.25 -22.17
C GLU A 83 4.60 18.33 -22.57
N ASP A 84 4.59 18.71 -23.85
CA ASP A 84 5.46 19.80 -24.30
C ASP A 84 6.82 19.82 -23.59
N GLY A 85 7.65 18.82 -23.88
CA GLY A 85 9.03 18.81 -23.42
C GLY A 85 9.24 18.70 -21.92
N ARG A 86 8.15 18.59 -21.14
CA ARG A 86 8.27 18.26 -19.72
C ARG A 86 7.87 16.80 -19.50
N THR A 87 8.71 16.05 -18.80
CA THR A 87 8.44 14.66 -18.48
C THR A 87 8.22 14.50 -16.98
N HIS A 88 7.15 13.80 -16.60
CA HIS A 88 6.94 13.45 -15.20
C HIS A 88 6.98 11.93 -15.13
N LEU A 89 7.65 11.41 -14.13
CA LEU A 89 7.68 9.97 -13.88
C LEU A 89 6.87 9.72 -12.62
N LEU A 90 5.79 8.97 -12.78
CA LEU A 90 4.94 8.61 -11.66
C LEU A 90 5.18 7.16 -11.25
N VAL A 91 5.47 6.97 -9.96
CA VAL A 91 5.67 5.67 -9.39
C VAL A 91 4.65 5.34 -8.32
N GLN A 92 4.61 4.05 -7.96
CA GLN A 92 3.68 3.42 -7.02
C GLN A 92 2.31 3.30 -7.64
N SER A 93 1.85 2.07 -7.85
CA SER A 93 0.57 1.85 -8.49
C SER A 93 -0.55 2.69 -7.88
N MET A 94 -0.65 2.77 -6.55
CA MET A 94 -1.76 3.50 -5.96
C MET A 94 -1.68 4.96 -6.26
N ALA A 95 -0.48 5.52 -6.20
CA ALA A 95 -0.28 6.93 -6.52
C ALA A 95 -0.61 7.22 -7.95
N ILE A 96 -0.21 6.32 -8.83
CA ILE A 96 -0.49 6.45 -10.28
C ILE A 96 -1.98 6.40 -10.51
N LEU A 97 -2.67 5.43 -9.90
CA LEU A 97 -4.11 5.32 -10.09
C LEU A 97 -4.86 6.53 -9.49
N GLU A 98 -4.41 7.08 -8.37
CA GLU A 98 -5.06 8.24 -7.79
C GLU A 98 -4.85 9.44 -8.71
N TRP A 99 -3.70 9.53 -9.37
CA TRP A 99 -3.45 10.61 -10.36
C TRP A 99 -4.38 10.46 -11.56
N LEU A 100 -4.53 9.24 -12.05
CA LEU A 100 -5.43 9.01 -13.20
C LEU A 100 -6.84 9.43 -12.82
N GLU A 101 -7.27 9.10 -11.61
CA GLU A 101 -8.62 9.41 -11.17
C GLU A 101 -8.83 10.93 -11.03
N GLU A 102 -7.85 11.67 -10.57
CA GLU A 102 -7.94 13.14 -10.49
C GLU A 102 -7.88 13.78 -11.86
N ARG A 103 -6.99 13.30 -12.71
CA ARG A 103 -6.81 13.93 -14.02
C ARG A 103 -7.95 13.59 -14.98
N HIS A 104 -8.45 12.36 -14.90
CA HIS A 104 -9.47 11.86 -15.81
C HIS A 104 -10.64 11.29 -15.03
N PRO A 105 -11.49 12.15 -14.47
CA PRO A 105 -12.42 11.71 -13.48
C PRO A 105 -13.57 10.81 -13.96
N GLU A 106 -13.83 10.78 -15.26
CA GLU A 106 -14.88 9.92 -15.82
C GLU A 106 -14.24 8.96 -16.77
N PRO A 107 -14.62 7.67 -16.68
CA PRO A 107 -15.52 7.10 -15.70
C PRO A 107 -14.81 6.91 -14.38
N ALA A 108 -15.53 7.16 -13.28
CA ALA A 108 -14.88 7.21 -11.96
C ALA A 108 -14.58 5.81 -11.46
N LEU A 109 -13.36 5.62 -10.96
CA LEU A 109 -13.02 4.38 -10.31
C LEU A 109 -13.01 4.50 -8.78
N LEU A 110 -13.39 5.70 -8.27
CA LEU A 110 -13.73 5.90 -6.86
C LEU A 110 -15.09 6.59 -6.86
N PRO A 111 -15.97 6.17 -5.96
CA PRO A 111 -17.32 6.79 -5.94
C PRO A 111 -17.25 8.16 -5.30
N PRO A 112 -18.32 8.95 -5.46
CA PRO A 112 -18.28 10.30 -4.95
C PRO A 112 -18.56 10.43 -3.47
N ASP A 113 -19.13 9.42 -2.84
CA ASP A 113 -19.37 9.46 -1.42
C ASP A 113 -18.14 9.05 -0.64
N LEU A 114 -17.92 9.72 0.47
CA LEU A 114 -16.66 9.54 1.16
C LEU A 114 -16.52 8.16 1.81
N TRP A 115 -17.58 7.62 2.39
CA TRP A 115 -17.52 6.27 2.99
C TRP A 115 -17.12 5.25 1.96
N GLY A 116 -17.71 5.33 0.77
CA GLY A 116 -17.44 4.37 -0.28
C GLY A 116 -16.00 4.51 -0.77
N ARG A 117 -15.52 5.73 -0.84
CA ARG A 117 -14.13 5.98 -1.22
C ARG A 117 -13.20 5.30 -0.21
N ALA A 118 -13.45 5.47 1.08
CA ALA A 118 -12.64 4.81 2.11
C ALA A 118 -12.69 3.33 2.05
N ARG A 119 -13.86 2.79 1.71
CA ARG A 119 -13.98 1.36 1.60
C ARG A 119 -13.17 0.83 0.41
N VAL A 120 -13.29 1.49 -0.72
CA VAL A 120 -12.62 1.06 -1.93
C VAL A 120 -11.09 1.16 -1.72
N ARG A 121 -10.61 2.26 -1.15
CA ARG A 121 -9.21 2.37 -0.85
C ARG A 121 -8.72 1.34 0.11
N ALA A 122 -9.53 0.96 1.08
CA ALA A 122 -9.13 -0.12 2.02
C ALA A 122 -8.99 -1.46 1.35
N LEU A 123 -9.91 -1.80 0.42
CA LEU A 123 -9.86 -3.05 -0.33
C LEU A 123 -8.61 -3.05 -1.24
N ALA A 124 -8.30 -1.92 -1.85
CA ALA A 124 -7.07 -1.80 -2.62
C ALA A 124 -5.86 -1.99 -1.75
N GLU A 125 -5.84 -1.31 -0.58
CA GLU A 125 -4.70 -1.43 0.29
C GLU A 125 -4.49 -2.78 0.91
N HIS A 126 -5.54 -3.54 1.11
CA HIS A 126 -5.33 -4.92 1.56
C HIS A 126 -4.46 -5.68 0.64
N VAL A 127 -4.60 -5.40 -0.67
CA VAL A 127 -3.71 -5.98 -1.69
C VAL A 127 -2.38 -5.27 -1.80
N ASN A 128 -2.42 -3.95 -1.97
CA ASN A 128 -1.26 -3.17 -2.24
C ASN A 128 -0.21 -3.33 -1.12
N SER A 129 -0.68 -3.17 0.11
CA SER A 129 0.19 -3.21 1.29
C SER A 129 0.10 -4.49 2.09
N GLY A 130 -1.00 -5.20 1.96
CA GLY A 130 -1.28 -6.32 2.87
C GLY A 130 -1.00 -7.68 2.31
N THR A 131 -0.85 -7.81 0.99
CA THR A 131 -0.75 -9.10 0.34
C THR A 131 0.45 -9.14 -0.62
N GLN A 132 0.47 -8.30 -1.65
CA GLN A 132 1.48 -8.36 -2.66
C GLN A 132 2.91 -8.23 -2.13
N PRO A 133 3.18 -7.31 -1.17
CA PRO A 133 4.58 -7.21 -0.72
C PRO A 133 5.13 -8.52 -0.18
N MET A 134 4.28 -9.36 0.35
CA MET A 134 4.77 -10.60 1.00
C MET A 134 5.08 -11.66 0.00
N GLN A 135 4.72 -11.41 -1.26
CA GLN A 135 4.99 -12.37 -2.34
C GLN A 135 5.76 -11.74 -3.50
N ASN A 136 6.42 -10.62 -3.28
CA ASN A 136 7.18 -10.02 -4.34
C ASN A 136 8.45 -10.80 -4.64
N ALA A 137 9.00 -10.61 -5.81
CA ALA A 137 10.04 -11.51 -6.27
C ALA A 137 11.30 -11.47 -5.41
N LEU A 138 11.61 -10.33 -4.84
CA LEU A 138 12.82 -10.20 -4.00
C LEU A 138 12.61 -10.96 -2.70
N VAL A 139 11.43 -10.82 -2.10
CA VAL A 139 11.09 -11.51 -0.86
C VAL A 139 11.21 -13.00 -1.13
N LEU A 140 10.55 -13.47 -2.18
CA LEU A 140 10.54 -14.93 -2.45
C LEU A 140 11.98 -15.43 -2.69
N ARG A 141 12.78 -14.66 -3.41
CA ARG A 141 14.15 -15.10 -3.73
C ARG A 141 14.93 -15.21 -2.41
N MET A 142 14.76 -14.28 -1.48
CA MET A 142 15.51 -14.35 -0.24
C MET A 142 15.05 -15.46 0.68
N LEU A 143 13.77 -15.84 0.60
CA LEU A 143 13.27 -16.97 1.37
C LEU A 143 13.91 -18.23 0.87
N ARG A 144 13.92 -18.41 -0.44
CA ARG A 144 14.31 -19.72 -0.96
C ARG A 144 15.82 -19.87 -1.03
N GLU A 145 16.55 -18.77 -0.88
CA GLU A 145 18.01 -18.87 -0.66
C GLU A 145 18.33 -19.44 0.73
N LYS A 146 17.54 -19.09 1.74
CA LYS A 146 17.73 -19.59 3.09
C LYS A 146 17.15 -20.97 3.27
N VAL A 147 15.93 -21.17 2.76
CA VAL A 147 15.18 -22.41 2.93
C VAL A 147 14.53 -22.86 1.62
N PRO A 148 15.25 -23.67 0.84
CA PRO A 148 14.73 -24.20 -0.42
C PRO A 148 13.27 -24.67 -0.39
N GLY A 149 12.49 -24.24 -1.38
CA GLY A 149 11.06 -24.60 -1.48
C GLY A 149 10.09 -23.76 -0.66
N TRP A 150 10.57 -23.13 0.40
CA TRP A 150 9.65 -22.55 1.37
C TRP A 150 8.95 -21.31 0.80
N ASP A 151 9.56 -20.66 -0.19
CA ASP A 151 8.98 -19.45 -0.79
C ASP A 151 7.53 -19.63 -1.27
N ARG A 152 7.21 -20.76 -1.90
CA ARG A 152 5.90 -20.92 -2.43
C ARG A 152 4.87 -21.22 -1.37
N GLU A 153 5.31 -21.87 -0.28
CA GLU A 153 4.45 -22.10 0.87
C GLU A 153 4.15 -20.77 1.58
N TRP A 154 5.19 -19.95 1.69
CA TRP A 154 5.06 -18.63 2.27
C TRP A 154 4.08 -17.77 1.47
N ALA A 155 4.29 -17.74 0.15
CA ALA A 155 3.37 -17.01 -0.74
C ALA A 155 1.94 -17.44 -0.59
N ARG A 156 1.68 -18.74 -0.54
CA ARG A 156 0.33 -19.21 -0.37
C ARG A 156 -0.29 -18.80 0.96
N PHE A 157 0.51 -18.83 2.03
CA PHE A 157 0.04 -18.44 3.35
C PHE A 157 -0.39 -16.96 3.36
N PHE A 158 0.50 -16.10 2.88
CA PHE A 158 0.21 -14.67 2.92
C PHE A 158 -0.81 -14.19 1.91
N ILE A 159 -0.89 -14.85 0.76
CA ILE A 159 -1.95 -14.53 -0.16
C ILE A 159 -3.30 -14.97 0.38
N ALA A 160 -3.38 -16.19 0.92
CA ALA A 160 -4.61 -16.65 1.54
C ALA A 160 -5.09 -15.71 2.64
N ARG A 161 -4.18 -15.23 3.48
CA ARG A 161 -4.56 -14.28 4.52
C ARG A 161 -5.18 -12.99 3.96
N GLY A 162 -4.58 -12.45 2.93
CA GLY A 162 -5.10 -11.26 2.31
C GLY A 162 -6.42 -11.52 1.63
N LEU A 163 -6.56 -12.67 0.94
CA LEU A 163 -7.80 -12.96 0.26
C LEU A 163 -8.97 -13.23 1.25
N ALA A 164 -8.64 -13.78 2.41
CA ALA A 164 -9.65 -13.98 3.47
C ALA A 164 -10.15 -12.63 3.98
N ALA A 165 -9.24 -11.68 4.20
CA ALA A 165 -9.66 -10.33 4.61
C ALA A 165 -10.56 -9.70 3.53
N LEU A 166 -10.16 -9.84 2.27
CA LEU A 166 -10.96 -9.34 1.18
C LEU A 166 -12.32 -9.98 1.03
N GLU A 167 -12.37 -11.30 1.13
CA GLU A 167 -13.62 -12.02 0.96
C GLU A 167 -14.67 -11.49 1.96
N THR A 168 -14.26 -11.37 3.22
CA THR A 168 -15.16 -10.83 4.26
C THR A 168 -15.58 -9.40 3.94
N ALA A 169 -14.60 -8.54 3.66
CA ALA A 169 -14.89 -7.12 3.45
C ALA A 169 -15.70 -6.88 2.17
N VAL A 170 -15.55 -7.74 1.17
CA VAL A 170 -16.31 -7.62 -0.07
C VAL A 170 -17.73 -8.16 0.06
N ARG A 171 -17.85 -9.37 0.60
CA ARG A 171 -19.15 -10.02 0.74
C ARG A 171 -20.15 -9.08 1.41
N ASP A 172 -19.65 -8.17 2.24
CA ASP A 172 -20.47 -7.10 2.83
C ASP A 172 -21.21 -6.31 1.75
N GLY A 173 -22.51 -6.52 1.69
CA GLY A 173 -23.38 -5.80 0.77
C GLY A 173 -22.86 -5.83 -0.66
N ALA A 174 -22.31 -6.97 -1.07
CA ALA A 174 -21.57 -7.05 -2.34
C ALA A 174 -22.50 -6.65 -3.48
N GLY A 175 -21.96 -6.01 -4.52
CA GLY A 175 -22.66 -5.92 -5.81
C GLY A 175 -22.19 -7.04 -6.73
N ARG A 176 -22.28 -6.77 -8.02
CA ARG A 176 -21.67 -7.63 -9.03
C ARG A 176 -20.12 -7.50 -8.97
N PHE A 177 -19.63 -6.35 -8.52
CA PHE A 177 -18.16 -6.10 -8.44
C PHE A 177 -17.70 -5.91 -6.99
N SER A 178 -16.43 -5.57 -6.76
CA SER A 178 -15.96 -5.49 -5.36
C SER A 178 -16.72 -4.44 -4.55
N HIS A 179 -17.14 -3.37 -5.21
CA HIS A 179 -17.93 -2.28 -4.62
C HIS A 179 -19.01 -1.83 -5.55
N GLY A 180 -20.24 -2.29 -5.27
CA GLY A 180 -21.37 -1.98 -6.15
C GLY A 180 -21.36 -2.73 -7.44
N ASP A 181 -21.96 -2.12 -8.45
CA ASP A 181 -22.31 -2.80 -9.67
C ASP A 181 -21.50 -2.33 -10.86
N ALA A 182 -20.43 -1.57 -10.59
CA ALA A 182 -19.49 -1.21 -11.64
C ALA A 182 -18.05 -1.33 -11.14
N PRO A 183 -17.08 -1.46 -12.06
CA PRO A 183 -15.70 -1.61 -11.60
C PRO A 183 -15.23 -0.38 -10.83
N THR A 184 -14.31 -0.61 -9.90
CA THR A 184 -13.63 0.46 -9.17
C THR A 184 -12.16 0.10 -9.04
N LEU A 185 -11.43 0.96 -8.33
CA LEU A 185 -10.04 0.69 -8.01
C LEU A 185 -9.89 -0.64 -7.28
N ALA A 186 -10.87 -1.04 -6.48
CA ALA A 186 -10.76 -2.28 -5.73
C ALA A 186 -10.62 -3.47 -6.67
N ASP A 187 -11.31 -3.48 -7.80
CA ASP A 187 -11.20 -4.58 -8.76
C ASP A 187 -9.86 -4.55 -9.48
N CYS A 188 -9.27 -3.36 -9.69
CA CYS A 188 -7.96 -3.21 -10.28
C CYS A 188 -6.87 -3.93 -9.49
N TYR A 189 -7.06 -4.00 -8.17
CA TYR A 189 -6.13 -4.70 -7.28
C TYR A 189 -6.51 -6.18 -7.05
N LEU A 190 -7.79 -6.48 -6.95
CA LEU A 190 -8.24 -7.85 -6.75
C LEU A 190 -7.86 -8.78 -7.91
N VAL A 191 -8.14 -8.38 -9.13
CA VAL A 191 -8.00 -9.29 -10.27
C VAL A 191 -6.58 -9.79 -10.46
N PRO A 192 -5.60 -8.89 -10.42
CA PRO A 192 -4.20 -9.38 -10.56
C PRO A 192 -3.77 -10.22 -9.37
N GLN A 193 -4.28 -9.94 -8.18
CA GLN A 193 -3.92 -10.73 -7.03
C GLN A 193 -4.47 -12.17 -7.08
N LEU A 194 -5.64 -12.34 -7.61
CA LEU A 194 -6.18 -13.69 -7.80
C LEU A 194 -5.40 -14.48 -8.84
N TYR A 195 -4.93 -13.81 -9.87
CA TYR A 195 -4.02 -14.45 -10.85
C TYR A 195 -2.77 -14.94 -10.16
N ASN A 196 -2.17 -14.13 -9.29
CA ASN A 196 -0.97 -14.59 -8.59
C ASN A 196 -1.26 -15.74 -7.65
N ALA A 197 -2.43 -15.72 -7.01
CA ALA A 197 -2.87 -16.81 -6.15
C ALA A 197 -2.87 -18.11 -6.95
N ARG A 198 -3.41 -18.06 -8.16
CA ARG A 198 -3.47 -19.26 -9.00
C ARG A 198 -2.08 -19.72 -9.38
N ARG A 199 -1.19 -18.79 -9.68
CA ARG A 199 0.17 -19.09 -10.01
C ARG A 199 0.86 -19.95 -8.95
N PHE A 200 0.61 -19.63 -7.68
CA PHE A 200 1.21 -20.36 -6.58
C PHE A 200 0.42 -21.56 -6.15
N GLY A 201 -0.63 -21.89 -6.89
CA GLY A 201 -1.46 -23.06 -6.58
C GLY A 201 -2.35 -22.97 -5.36
N LEU A 202 -2.70 -21.73 -4.98
CA LEU A 202 -3.67 -21.58 -3.91
C LEU A 202 -5.07 -21.96 -4.32
N ASP A 203 -5.70 -22.78 -3.49
CA ASP A 203 -7.08 -23.15 -3.72
C ASP A 203 -8.00 -21.97 -3.38
N LEU A 204 -8.79 -21.57 -4.38
CA LEU A 204 -9.65 -20.39 -4.23
C LEU A 204 -11.06 -20.75 -3.74
N GLU A 205 -11.28 -22.02 -3.43
CA GLU A 205 -12.60 -22.42 -2.97
C GLU A 205 -13.14 -21.56 -1.81
N PRO A 206 -12.29 -21.13 -0.86
CA PRO A 206 -12.79 -20.40 0.30
C PRO A 206 -13.24 -18.95 0.03
N TYR A 207 -13.08 -18.47 -1.19
CA TYR A 207 -13.36 -17.07 -1.51
C TYR A 207 -14.39 -16.95 -2.63
N PRO A 208 -15.62 -17.42 -2.38
CA PRO A 208 -16.59 -17.47 -3.45
C PRO A 208 -17.03 -16.09 -3.99
N THR A 209 -17.09 -15.08 -3.12
CA THR A 209 -17.43 -13.73 -3.54
C THR A 209 -16.37 -13.16 -4.45
N LEU A 210 -15.11 -13.37 -4.08
CA LEU A 210 -13.99 -12.94 -4.93
C LEU A 210 -13.99 -13.62 -6.28
N ARG A 211 -14.28 -14.93 -6.30
CA ARG A 211 -14.31 -15.69 -7.56
C ARG A 211 -15.44 -15.19 -8.49
N ARG A 212 -16.58 -14.84 -7.88
CA ARG A 212 -17.69 -14.25 -8.62
C ARG A 212 -17.32 -12.91 -9.25
N VAL A 213 -16.66 -12.08 -8.47
CA VAL A 213 -16.24 -10.78 -8.94
C VAL A 213 -15.23 -10.94 -10.07
N ASP A 214 -14.26 -11.82 -9.88
CA ASP A 214 -13.27 -12.10 -10.90
C ASP A 214 -13.94 -12.48 -12.23
N GLU A 215 -14.99 -13.30 -12.15
CA GLU A 215 -15.67 -13.73 -13.38
C GLU A 215 -16.42 -12.60 -14.08
N ALA A 216 -17.02 -11.73 -13.27
CA ALA A 216 -17.70 -10.55 -13.82
C ALA A 216 -16.74 -9.60 -14.52
N CYS A 217 -15.57 -9.44 -13.91
CA CYS A 217 -14.57 -8.59 -14.52
C CYS A 217 -14.00 -9.19 -15.80
N ALA A 218 -13.78 -10.50 -15.77
CA ALA A 218 -13.12 -11.18 -16.88
C ALA A 218 -13.89 -11.04 -18.19
N ALA A 219 -15.21 -10.85 -18.11
CA ALA A 219 -16.06 -10.69 -19.30
C ALA A 219 -15.99 -9.30 -19.93
N LEU A 220 -15.33 -8.35 -19.29
CA LEU A 220 -15.29 -6.99 -19.75
C LEU A 220 -14.07 -6.79 -20.65
N ALA A 221 -14.26 -6.08 -21.76
CA ALA A 221 -13.18 -5.80 -22.69
C ALA A 221 -11.95 -5.14 -22.05
N PRO A 222 -12.14 -4.14 -21.14
CA PRO A 222 -10.94 -3.54 -20.59
C PRO A 222 -10.10 -4.49 -19.73
N PHE A 223 -10.74 -5.42 -19.05
CA PHE A 223 -10.02 -6.44 -18.28
C PHE A 223 -9.30 -7.38 -19.23
N GLN A 224 -9.99 -7.78 -20.30
CA GLN A 224 -9.33 -8.63 -21.28
C GLN A 224 -8.09 -7.97 -21.88
N ALA A 225 -8.15 -6.67 -22.14
CA ALA A 225 -7.06 -5.95 -22.75
C ALA A 225 -5.81 -5.88 -21.85
N ALA A 226 -6.05 -5.78 -20.55
CA ALA A 226 -4.97 -5.58 -19.59
C ALA A 226 -4.32 -6.89 -19.08
N HIS A 227 -4.90 -8.03 -19.38
CA HIS A 227 -4.46 -9.31 -18.91
C HIS A 227 -3.02 -9.58 -19.39
N PRO A 228 -2.23 -10.26 -18.58
CA PRO A 228 -0.85 -10.59 -18.98
C PRO A 228 -0.75 -11.20 -20.37
N ASP A 229 -1.66 -12.11 -20.71
CA ASP A 229 -1.50 -12.87 -21.97
C ASP A 229 -1.66 -11.99 -23.21
N ARG A 230 -2.23 -10.80 -23.06
CA ARG A 230 -2.42 -9.87 -24.16
C ARG A 230 -1.33 -8.84 -24.31
N GLN A 231 -0.32 -8.87 -23.42
CA GLN A 231 0.67 -7.81 -23.42
C GLN A 231 1.75 -8.04 -24.46
N PRO A 232 2.36 -6.98 -24.97
CA PRO A 232 3.35 -7.16 -26.03
C PRO A 232 4.48 -8.13 -25.67
N ASP A 233 4.89 -8.16 -24.42
CA ASP A 233 6.07 -8.95 -23.98
C ASP A 233 5.70 -10.35 -23.49
N ALA A 234 4.43 -10.75 -23.61
CA ALA A 234 3.99 -12.03 -23.10
C ALA A 234 4.64 -13.19 -23.90
N PRO A 235 5.34 -14.11 -23.21
CA PRO A 235 5.85 -15.31 -23.88
C PRO A 235 4.72 -16.27 -24.16
N PRO A 236 4.89 -17.14 -25.15
CA PRO A 236 3.92 -18.25 -25.27
C PRO A 236 3.86 -19.12 -24.04
N PRO A 237 2.75 -19.87 -23.86
CA PRO A 237 2.62 -20.70 -22.68
C PRO A 237 3.82 -21.58 -22.41
N ASP A 238 4.37 -22.21 -23.45
CA ASP A 238 5.49 -23.13 -23.24
C ASP A 238 6.86 -22.52 -22.97
N ARG A 239 6.91 -21.20 -22.79
CA ARG A 239 8.14 -20.52 -22.41
C ARG A 239 7.97 -19.68 -21.15
N ARG A 240 6.98 -20.04 -20.33
CA ARG A 240 6.73 -19.35 -19.09
C ARG A 240 7.24 -20.15 -17.92
N THR A 241 7.96 -19.51 -17.02
CA THR A 241 8.29 -20.15 -15.77
C THR A 241 7.03 -20.19 -14.87
N PRO A 242 7.03 -21.04 -13.82
CA PRO A 242 5.85 -21.12 -12.98
C PRO A 242 5.55 -19.78 -12.32
N PHE B 20 -29.96 15.17 14.97
CA PHE B 20 -28.82 14.72 14.12
C PHE B 20 -27.59 14.43 14.97
N GLN B 21 -27.05 13.23 14.84
CA GLN B 21 -25.87 12.83 15.61
C GLN B 21 -24.60 13.27 14.89
N SER B 22 -23.95 14.32 15.39
CA SER B 22 -22.75 14.83 14.77
C SER B 22 -21.58 13.84 14.91
N MET B 23 -20.67 13.96 13.96
CA MET B 23 -19.60 12.94 13.78
C MET B 23 -18.68 12.80 15.01
N THR B 24 -18.48 11.56 15.42
CA THR B 24 -17.56 11.24 16.51
C THR B 24 -16.52 10.23 16.08
N LEU B 25 -15.30 10.43 16.58
CA LEU B 25 -14.12 9.59 16.16
C LEU B 25 -13.60 8.78 17.34
N ARG B 26 -13.30 7.52 17.06
CA ARG B 26 -12.66 6.63 18.03
C ARG B 26 -11.56 5.85 17.30
N LEU B 27 -10.34 5.87 17.82
CA LEU B 27 -9.20 5.21 17.16
C LEU B 27 -8.77 3.98 17.96
N TYR B 28 -8.75 2.82 17.34
CA TYR B 28 -8.16 1.63 17.93
C TYR B 28 -6.68 1.62 17.61
N SER B 29 -5.86 1.70 18.65
CA SER B 29 -4.43 1.98 18.50
C SER B 29 -3.63 1.16 19.48
N TYR B 30 -2.35 1.02 19.18
CA TYR B 30 -1.36 0.48 20.14
C TYR B 30 -0.22 1.48 20.17
N TRP B 31 0.30 1.82 21.35
CA TRP B 31 1.20 2.96 21.49
C TRP B 31 2.35 2.92 20.47
N ARG B 32 2.96 1.76 20.27
N ARG B 32 2.93 1.73 20.29
CA ARG B 32 4.21 1.66 19.53
CA ARG B 32 4.19 1.51 19.56
C ARG B 32 3.97 1.19 18.08
C ARG B 32 3.96 0.99 18.14
N SER B 33 2.71 1.01 17.67
CA SER B 33 2.40 0.56 16.29
C SER B 33 2.63 1.69 15.30
N SER B 34 3.55 1.49 14.36
CA SER B 34 3.82 2.53 13.39
C SER B 34 2.60 2.80 12.52
N SER B 35 1.83 1.78 12.19
CA SER B 35 0.64 2.01 11.38
C SER B 35 -0.39 2.86 12.09
N ALA B 36 -0.57 2.63 13.37
CA ALA B 36 -1.50 3.47 14.16
C ALA B 36 -0.99 4.88 14.32
N TRP B 37 0.31 5.00 14.56
CA TRP B 37 0.92 6.31 14.73
C TRP B 37 0.67 7.23 13.52
N ARG B 38 0.72 6.69 12.31
CA ARG B 38 0.45 7.47 11.10
C ARG B 38 -0.89 8.20 11.25
N VAL B 39 -1.92 7.48 11.67
CA VAL B 39 -3.24 8.03 11.81
C VAL B 39 -3.35 8.98 12.98
N ARG B 40 -2.65 8.68 14.07
CA ARG B 40 -2.56 9.63 15.19
C ARG B 40 -2.00 10.96 14.69
N LEU B 41 -1.03 10.91 13.78
CA LEU B 41 -0.43 12.14 13.23
C LEU B 41 -1.40 12.88 12.38
N GLY B 42 -2.12 12.19 11.48
CA GLY B 42 -3.15 12.89 10.67
C GLY B 42 -4.18 13.57 11.54
N LEU B 43 -4.66 12.85 12.56
CA LEU B 43 -5.67 13.41 13.47
C LEU B 43 -5.13 14.64 14.20
N ALA B 44 -3.94 14.53 14.76
CA ALA B 44 -3.32 15.66 15.48
C ALA B 44 -3.03 16.83 14.57
N LEU B 45 -2.55 16.62 13.36
CA LEU B 45 -2.26 17.70 12.45
C LEU B 45 -3.53 18.45 12.08
N LYS B 46 -4.64 17.74 11.99
CA LYS B 46 -5.90 18.37 11.64
C LYS B 46 -6.65 18.93 12.81
N GLY B 47 -6.12 18.75 14.01
CA GLY B 47 -6.74 19.30 15.24
C GLY B 47 -8.01 18.57 15.58
N LEU B 48 -8.07 17.28 15.27
CA LEU B 48 -9.27 16.48 15.52
C LEU B 48 -9.10 15.68 16.80
N ALA B 49 -10.03 15.85 17.71
CA ALA B 49 -10.14 15.03 18.92
C ALA B 49 -10.64 13.65 18.56
N TYR B 50 -10.24 12.65 19.35
CA TYR B 50 -10.72 11.31 19.17
C TYR B 50 -10.59 10.55 20.48
N GLU B 51 -11.43 9.54 20.65
CA GLU B 51 -11.32 8.63 21.78
C GLU B 51 -10.24 7.64 21.44
N TYR B 52 -9.32 7.42 22.36
CA TYR B 52 -8.27 6.42 22.20
C TYR B 52 -8.72 5.11 22.77
N ARG B 53 -8.69 4.06 21.97
CA ARG B 53 -9.10 2.75 22.42
C ARG B 53 -7.87 1.86 22.24
N ALA B 54 -7.24 1.53 23.35
CA ALA B 54 -6.06 0.68 23.36
C ALA B 54 -6.38 -0.76 23.02
N VAL B 55 -5.51 -1.33 22.21
CA VAL B 55 -5.52 -2.72 21.84
C VAL B 55 -4.30 -3.42 22.46
N ASP B 56 -4.50 -4.57 23.08
CA ASP B 56 -3.43 -5.38 23.69
C ASP B 56 -2.77 -6.21 22.59
N LEU B 57 -1.98 -5.50 21.79
CA LEU B 57 -1.45 -6.05 20.57
C LEU B 57 -0.51 -7.20 20.83
N LEU B 58 0.23 -7.16 21.93
CA LEU B 58 1.20 -8.22 22.22
C LEU B 58 0.45 -9.51 22.50
N ALA B 59 -0.63 -9.44 23.29
CA ALA B 59 -1.44 -10.65 23.53
C ALA B 59 -2.10 -11.13 22.27
N GLN B 60 -2.57 -10.18 21.45
CA GLN B 60 -3.20 -10.50 20.20
C GLN B 60 -2.26 -11.24 19.25
N GLU B 61 -1.05 -10.71 19.14
CA GLU B 61 -0.05 -11.31 18.28
C GLU B 61 0.47 -12.67 18.74
N GLN B 62 0.47 -12.88 20.05
CA GLN B 62 0.82 -14.20 20.57
C GLN B 62 -0.26 -15.24 20.18
N PHE B 63 -1.51 -14.85 20.32
CA PHE B 63 -2.60 -15.69 19.83
C PHE B 63 -2.53 -15.96 18.35
N GLN B 64 -2.34 -14.91 17.54
CA GLN B 64 -2.25 -15.06 16.10
C GLN B 64 -1.18 -16.03 15.70
N ALA B 65 -0.04 -15.93 16.36
CA ALA B 65 1.08 -16.77 15.97
C ALA B 65 0.77 -18.21 16.22
N ALA B 66 0.11 -18.50 17.33
CA ALA B 66 -0.22 -19.90 17.69
C ALA B 66 -1.39 -20.46 16.91
N HIS B 67 -2.07 -19.63 16.12
CA HIS B 67 -3.27 -20.00 15.40
C HIS B 67 -3.25 -19.50 13.97
N GLN B 68 -2.07 -19.59 13.36
CA GLN B 68 -1.91 -19.42 11.90
C GLN B 68 -2.45 -18.08 11.43
N ALA B 69 -2.52 -17.13 12.36
CA ALA B 69 -3.01 -15.78 12.10
C ALA B 69 -4.32 -15.80 11.31
N ARG B 70 -5.28 -16.62 11.75
CA ARG B 70 -6.59 -16.72 11.13
C ARG B 70 -7.55 -15.59 11.61
N ASN B 71 -7.27 -15.01 12.79
CA ASN B 71 -8.18 -14.04 13.47
C ASN B 71 -8.08 -12.61 12.95
N SER B 74 -9.24 -6.90 12.60
CA SER B 74 -8.13 -7.50 13.31
C SER B 74 -6.82 -6.62 13.43
N GLN B 75 -6.52 -5.80 12.42
CA GLN B 75 -5.30 -4.97 12.48
C GLN B 75 -5.60 -3.59 13.04
N VAL B 76 -4.63 -2.97 13.69
CA VAL B 76 -4.71 -1.52 13.95
C VAL B 76 -3.86 -0.80 12.91
N PRO B 77 -4.25 0.43 12.55
CA PRO B 77 -5.37 1.20 13.08
C PRO B 77 -6.73 0.80 12.53
N VAL B 78 -7.75 1.02 13.37
CA VAL B 78 -9.13 1.11 12.87
C VAL B 78 -9.73 2.40 13.41
N LEU B 79 -10.26 3.21 12.53
CA LEU B 79 -10.94 4.45 12.92
C LEU B 79 -12.44 4.23 12.85
N GLU B 80 -13.07 4.19 14.04
CA GLU B 80 -14.51 4.06 14.15
C GLU B 80 -15.17 5.42 14.11
N VAL B 81 -16.04 5.64 13.15
CA VAL B 81 -16.68 6.92 12.96
C VAL B 81 -18.19 6.76 13.07
N GLU B 82 -18.82 7.52 13.95
CA GLU B 82 -20.30 7.51 14.05
C GLU B 82 -20.82 8.84 13.59
N GLU B 83 -21.83 8.81 12.72
CA GLU B 83 -22.50 9.99 12.28
C GLU B 83 -23.92 9.66 11.85
N ASP B 84 -24.87 10.51 12.28
CA ASP B 84 -26.29 10.32 11.90
C ASP B 84 -26.76 8.91 12.23
N GLY B 85 -26.36 8.38 13.38
CA GLY B 85 -26.87 7.11 13.83
C GLY B 85 -26.28 5.89 13.15
N ARG B 86 -25.26 6.08 12.30
CA ARG B 86 -24.62 4.97 11.59
C ARG B 86 -23.15 4.92 11.95
N THR B 87 -22.62 3.71 12.04
CA THR B 87 -21.23 3.47 12.42
C THR B 87 -20.47 2.93 11.24
N HIS B 88 -19.28 3.47 11.05
CA HIS B 88 -18.38 3.11 9.95
C HIS B 88 -17.06 2.70 10.58
N LEU B 89 -16.54 1.56 10.16
CA LEU B 89 -15.22 1.11 10.62
C LEU B 89 -14.23 1.26 9.48
N LEU B 90 -13.38 2.25 9.60
CA LEU B 90 -12.38 2.54 8.55
C LEU B 90 -11.08 1.84 8.87
N VAL B 91 -10.60 1.04 7.91
CA VAL B 91 -9.34 0.31 8.07
C VAL B 91 -8.34 0.75 6.98
N GLN B 92 -7.08 0.38 7.21
CA GLN B 92 -5.94 0.71 6.37
C GLN B 92 -5.53 2.14 6.54
N SER B 93 -4.34 2.34 7.13
CA SER B 93 -3.88 3.69 7.39
C SER B 93 -4.01 4.69 6.23
N MET B 94 -3.67 4.25 5.02
CA MET B 94 -3.66 5.17 3.90
C MET B 94 -5.11 5.55 3.57
N ALA B 95 -6.03 4.59 3.62
CA ALA B 95 -7.44 4.85 3.33
C ALA B 95 -8.04 5.79 4.39
N ILE B 96 -7.70 5.57 5.64
CA ILE B 96 -8.15 6.42 6.73
C ILE B 96 -7.62 7.83 6.53
N LEU B 97 -6.31 7.96 6.20
CA LEU B 97 -5.72 9.30 6.05
C LEU B 97 -6.32 10.03 4.86
N GLU B 98 -6.55 9.32 3.74
CA GLU B 98 -7.24 9.95 2.62
C GLU B 98 -8.63 10.41 3.02
N TRP B 99 -9.35 9.62 3.82
CA TRP B 99 -10.69 9.99 4.27
C TRP B 99 -10.60 11.27 5.12
N LEU B 100 -9.64 11.32 6.04
CA LEU B 100 -9.50 12.51 6.88
C LEU B 100 -9.23 13.72 6.03
N GLU B 101 -8.41 13.60 4.97
CA GLU B 101 -8.08 14.71 4.09
C GLU B 101 -9.32 15.17 3.29
N GLU B 102 -10.19 14.26 2.90
CA GLU B 102 -11.41 14.58 2.15
C GLU B 102 -12.51 15.14 3.06
N ARG B 103 -12.56 14.64 4.29
N ARG B 103 -12.73 14.50 4.21
CA ARG B 103 -13.66 14.93 5.22
CA ARG B 103 -13.76 14.99 5.16
C ARG B 103 -13.40 16.20 5.98
C ARG B 103 -13.36 16.34 5.77
N HIS B 104 -12.13 16.47 6.23
CA HIS B 104 -11.71 17.63 7.00
C HIS B 104 -10.50 18.26 6.30
N PRO B 105 -10.73 19.03 5.22
CA PRO B 105 -9.66 19.49 4.33
C PRO B 105 -8.60 20.39 4.90
N GLU B 106 -8.92 21.16 5.93
CA GLU B 106 -7.97 22.16 6.43
C GLU B 106 -7.63 21.82 7.86
N PRO B 107 -6.33 21.83 8.18
CA PRO B 107 -5.22 22.06 7.28
C PRO B 107 -4.93 20.87 6.38
N ALA B 108 -4.44 21.15 5.19
CA ALA B 108 -4.27 20.15 4.17
C ALA B 108 -3.02 19.33 4.43
N LEU B 109 -3.17 18.02 4.30
CA LEU B 109 -2.04 17.11 4.28
C LEU B 109 -1.64 16.55 2.93
N LEU B 110 -2.33 16.98 1.87
CA LEU B 110 -1.85 16.80 0.50
C LEU B 110 -1.71 18.18 -0.16
N PRO B 111 -0.75 18.32 -1.07
CA PRO B 111 -0.66 19.57 -1.83
C PRO B 111 -1.81 19.75 -2.76
N PRO B 112 -1.97 20.96 -3.33
CA PRO B 112 -3.10 21.25 -4.20
C PRO B 112 -2.99 20.77 -5.63
N ASP B 113 -1.77 20.51 -6.07
CA ASP B 113 -1.48 20.28 -7.48
C ASP B 113 -1.34 18.79 -7.78
N LEU B 114 -1.71 18.36 -8.98
CA LEU B 114 -1.73 16.92 -9.26
C LEU B 114 -0.37 16.26 -9.11
N TRP B 115 0.67 16.92 -9.60
CA TRP B 115 2.00 16.30 -9.59
C TRP B 115 2.50 16.13 -8.16
N GLY B 116 2.29 17.11 -7.30
CA GLY B 116 2.74 17.04 -5.93
C GLY B 116 1.94 16.01 -5.13
N ARG B 117 0.67 15.83 -5.48
CA ARG B 117 -0.17 14.82 -4.81
C ARG B 117 0.36 13.43 -5.14
N ALA B 118 0.71 13.19 -6.40
CA ALA B 118 1.23 11.92 -6.82
C ALA B 118 2.58 11.66 -6.13
N ARG B 119 3.39 12.67 -6.01
CA ARG B 119 4.70 12.52 -5.35
C ARG B 119 4.51 12.19 -3.88
N VAL B 120 3.65 12.92 -3.20
CA VAL B 120 3.43 12.64 -1.79
C VAL B 120 2.83 11.26 -1.57
N ARG B 121 1.88 10.86 -2.40
CA ARG B 121 1.33 9.52 -2.26
C ARG B 121 2.39 8.46 -2.54
N ALA B 122 3.28 8.69 -3.47
CA ALA B 122 4.33 7.69 -3.72
C ALA B 122 5.26 7.56 -2.53
N LEU B 123 5.63 8.69 -1.94
CA LEU B 123 6.50 8.64 -0.75
C LEU B 123 5.82 7.87 0.38
N ALA B 124 4.55 8.16 0.60
CA ALA B 124 3.78 7.47 1.64
C ALA B 124 3.77 5.96 1.32
N GLU B 125 3.48 5.61 0.07
CA GLU B 125 3.40 4.19 -0.30
C GLU B 125 4.72 3.47 -0.22
N HIS B 126 5.84 4.16 -0.40
CA HIS B 126 7.17 3.53 -0.24
C HIS B 126 7.27 2.92 1.16
N VAL B 127 6.66 3.57 2.14
CA VAL B 127 6.64 3.09 3.51
C VAL B 127 5.47 2.11 3.70
N ASN B 128 4.27 2.54 3.31
CA ASN B 128 3.04 1.76 3.54
C ASN B 128 3.10 0.37 2.93
N SER B 129 3.60 0.29 1.68
CA SER B 129 3.62 -0.95 0.92
C SER B 129 5.03 -1.51 0.74
N GLY B 130 6.01 -0.67 0.88
CA GLY B 130 7.39 -0.97 0.47
C GLY B 130 8.39 -1.24 1.58
N THR B 131 8.10 -0.86 2.82
CA THR B 131 8.99 -1.00 3.95
C THR B 131 8.32 -1.69 5.16
N GLN B 132 7.20 -1.14 5.63
CA GLN B 132 6.57 -1.64 6.85
C GLN B 132 6.09 -3.08 6.75
N PRO B 133 5.53 -3.53 5.62
CA PRO B 133 5.05 -4.91 5.58
C PRO B 133 6.18 -5.93 5.80
N MET B 134 7.38 -5.60 5.33
N MET B 134 7.39 -5.62 5.36
CA MET B 134 8.57 -6.45 5.52
CA MET B 134 8.48 -6.56 5.49
C MET B 134 8.87 -6.70 6.98
C MET B 134 9.08 -6.54 6.91
N GLN B 135 8.52 -5.73 7.83
CA GLN B 135 8.84 -5.81 9.27
C GLN B 135 7.67 -6.00 10.20
N ASN B 136 6.57 -6.50 9.63
N ASN B 136 6.50 -6.30 9.67
CA ASN B 136 5.32 -6.77 10.34
CA ASN B 136 5.40 -6.50 10.58
C ASN B 136 5.52 -7.91 11.32
C ASN B 136 5.63 -7.74 11.40
N ALA B 137 4.93 -7.82 12.52
CA ALA B 137 5.26 -8.81 13.53
C ALA B 137 5.01 -10.24 13.06
N LEU B 138 4.01 -10.46 12.20
CA LEU B 138 3.71 -11.81 11.70
C LEU B 138 4.77 -12.30 10.74
N VAL B 139 5.19 -11.47 9.83
CA VAL B 139 6.24 -11.77 8.92
C VAL B 139 7.48 -12.15 9.72
N LEU B 140 7.87 -11.33 10.69
CA LEU B 140 9.10 -11.60 11.43
C LEU B 140 8.97 -12.86 12.29
N ARG B 141 7.77 -13.13 12.82
CA ARG B 141 7.56 -14.35 13.65
C ARG B 141 7.72 -15.56 12.78
N MET B 142 7.15 -15.56 11.57
CA MET B 142 7.24 -16.70 10.69
C MET B 142 8.67 -16.99 10.26
N LEU B 143 9.45 -15.94 10.03
CA LEU B 143 10.85 -16.10 9.74
C LEU B 143 11.58 -16.77 10.91
N ARG B 144 11.23 -16.32 12.11
N ARG B 144 11.46 -16.22 12.11
CA ARG B 144 11.94 -16.59 13.36
CA ARG B 144 12.22 -16.78 13.23
C ARG B 144 11.66 -18.02 13.81
C ARG B 144 11.75 -18.19 13.63
N GLU B 145 10.48 -18.52 13.41
CA GLU B 145 10.04 -19.91 13.65
C GLU B 145 10.82 -20.89 12.79
N LYS B 146 11.16 -20.50 11.58
CA LYS B 146 11.87 -21.35 10.63
C LYS B 146 13.36 -21.30 10.90
N VAL B 147 13.88 -20.10 11.16
CA VAL B 147 15.29 -19.88 11.41
C VAL B 147 15.50 -18.80 12.48
N PRO B 148 15.73 -19.17 13.75
CA PRO B 148 15.94 -18.12 14.75
C PRO B 148 17.04 -17.13 14.37
N GLY B 149 16.75 -15.85 14.62
CA GLY B 149 17.63 -14.74 14.30
C GLY B 149 17.43 -14.15 12.92
N TRP B 150 16.81 -14.90 12.00
CA TRP B 150 16.61 -14.44 10.61
C TRP B 150 15.75 -13.17 10.63
N ASP B 151 14.82 -13.08 11.57
CA ASP B 151 13.95 -11.94 11.69
C ASP B 151 14.71 -10.62 11.79
N ARG B 152 15.76 -10.59 12.60
CA ARG B 152 16.54 -9.36 12.75
C ARG B 152 17.29 -9.00 11.47
N GLU B 153 17.94 -9.97 10.84
CA GLU B 153 18.65 -9.75 9.59
C GLU B 153 17.72 -9.22 8.50
N TRP B 154 16.56 -9.83 8.41
CA TRP B 154 15.55 -9.49 7.38
C TRP B 154 15.01 -8.09 7.60
N ALA B 155 14.55 -7.80 8.80
CA ALA B 155 14.04 -6.48 9.10
C ALA B 155 15.07 -5.42 8.80
N ARG B 156 16.31 -5.62 9.24
CA ARG B 156 17.35 -4.63 9.00
C ARG B 156 17.60 -4.43 7.50
N PHE B 157 17.65 -5.53 6.76
CA PHE B 157 17.88 -5.44 5.33
C PHE B 157 16.77 -4.68 4.64
N PHE B 158 15.53 -5.04 4.93
CA PHE B 158 14.41 -4.43 4.24
C PHE B 158 14.12 -2.99 4.67
N ILE B 159 14.25 -2.67 5.95
CA ILE B 159 14.08 -1.29 6.39
C ILE B 159 15.17 -0.43 5.77
N ALA B 160 16.43 -0.87 5.84
CA ALA B 160 17.51 -0.07 5.25
C ALA B 160 17.27 0.14 3.76
N ARG B 161 16.83 -0.90 3.05
CA ARG B 161 16.60 -0.80 1.61
C ARG B 161 15.53 0.23 1.35
N GLY B 162 14.45 0.17 2.09
CA GLY B 162 13.34 1.12 1.92
C GLY B 162 13.78 2.54 2.25
N LEU B 163 14.54 2.71 3.30
CA LEU B 163 14.98 4.03 3.67
C LEU B 163 15.97 4.63 2.70
N ALA B 164 16.84 3.79 2.12
CA ALA B 164 17.78 4.28 1.13
C ALA B 164 17.00 4.80 -0.10
N ALA B 165 16.00 4.08 -0.55
CA ALA B 165 15.19 4.51 -1.68
C ALA B 165 14.39 5.75 -1.35
N LEU B 166 13.91 5.81 -0.11
CA LEU B 166 13.11 6.92 0.32
C LEU B 166 13.96 8.18 0.46
N GLU B 167 15.19 8.03 0.93
CA GLU B 167 16.10 9.17 1.00
C GLU B 167 16.27 9.84 -0.37
N THR B 168 16.52 9.03 -1.39
CA THR B 168 16.73 9.59 -2.73
C THR B 168 15.47 10.29 -3.17
N ALA B 169 14.33 9.65 -2.98
CA ALA B 169 13.09 10.24 -3.45
C ALA B 169 12.71 11.49 -2.72
N VAL B 170 12.86 11.49 -1.40
CA VAL B 170 12.55 12.67 -0.60
C VAL B 170 13.45 13.83 -0.93
N ARG B 171 14.75 13.56 -1.10
CA ARG B 171 15.70 14.64 -1.36
C ARG B 171 15.33 15.43 -2.62
N ASP B 172 14.73 14.75 -3.59
CA ASP B 172 14.24 15.41 -4.80
C ASP B 172 12.86 15.95 -4.59
N GLY B 173 12.74 17.07 -3.87
CA GLY B 173 11.47 17.76 -3.64
C GLY B 173 11.24 18.22 -2.20
N ALA B 174 12.06 17.74 -1.25
CA ALA B 174 11.94 18.18 0.11
C ALA B 174 12.23 19.66 0.26
N GLY B 175 11.46 20.36 1.08
CA GLY B 175 11.86 21.65 1.66
C GLY B 175 12.29 21.45 3.08
N ARG B 176 11.62 22.11 4.01
CA ARG B 176 11.74 21.85 5.41
C ARG B 176 11.22 20.42 5.75
N PHE B 177 10.15 20.02 5.05
CA PHE B 177 9.51 18.72 5.24
C PHE B 177 9.69 17.87 3.98
N SER B 178 9.12 16.65 3.97
CA SER B 178 9.33 15.72 2.88
C SER B 178 8.93 16.28 1.52
N HIS B 179 7.88 17.09 1.54
CA HIS B 179 7.43 17.78 0.34
C HIS B 179 7.20 19.23 0.64
N GLY B 180 8.08 20.07 0.12
CA GLY B 180 7.99 21.49 0.41
C GLY B 180 8.11 21.86 1.87
N ASP B 181 7.39 22.91 2.26
CA ASP B 181 7.58 23.53 3.52
C ASP B 181 6.45 23.41 4.52
N ALA B 182 5.55 22.46 4.29
CA ALA B 182 4.57 22.11 5.26
C ALA B 182 4.46 20.57 5.37
N PRO B 183 4.02 20.09 6.52
CA PRO B 183 3.86 18.65 6.69
C PRO B 183 2.78 18.15 5.77
N THR B 184 2.99 16.92 5.29
CA THR B 184 2.07 16.23 4.44
C THR B 184 1.95 14.78 4.91
N LEU B 185 1.08 14.03 4.24
CA LEU B 185 0.97 12.60 4.48
C LEU B 185 2.32 11.90 4.42
N ALA B 186 3.24 12.38 3.60
CA ALA B 186 4.54 11.74 3.49
C ALA B 186 5.24 11.72 4.83
N ASP B 187 5.18 12.82 5.55
CA ASP B 187 5.85 12.88 6.86
C ASP B 187 5.15 12.02 7.91
N CYS B 188 3.85 11.77 7.74
CA CYS B 188 3.09 10.92 8.64
C CYS B 188 3.53 9.46 8.54
N TYR B 189 4.05 9.11 7.37
CA TYR B 189 4.63 7.77 7.14
C TYR B 189 6.10 7.72 7.53
N LEU B 190 6.86 8.76 7.23
CA LEU B 190 8.29 8.75 7.48
C LEU B 190 8.64 8.65 8.95
N VAL B 191 8.02 9.46 9.79
CA VAL B 191 8.45 9.61 11.17
C VAL B 191 8.29 8.30 11.95
N PRO B 192 7.16 7.60 11.86
CA PRO B 192 7.05 6.32 12.56
C PRO B 192 8.02 5.29 12.03
N GLN B 193 8.28 5.30 10.72
CA GLN B 193 9.17 4.30 10.17
C GLN B 193 10.60 4.49 10.65
N LEU B 194 11.07 5.73 10.82
CA LEU B 194 12.41 5.98 11.37
C LEU B 194 12.51 5.48 12.80
N TYR B 195 11.46 5.67 13.60
CA TYR B 195 11.44 5.17 14.98
C TYR B 195 11.60 3.65 14.99
N ASN B 196 10.95 2.95 14.08
CA ASN B 196 11.11 1.52 13.99
C ASN B 196 12.51 1.13 13.55
N ALA B 197 13.09 1.86 12.63
CA ALA B 197 14.46 1.59 12.19
C ALA B 197 15.41 1.65 13.37
N ARG B 198 15.18 2.62 14.23
CA ARG B 198 16.05 2.79 15.42
C ARG B 198 15.85 1.59 16.34
N ARG B 199 14.63 1.08 16.45
CA ARG B 199 14.38 -0.11 17.30
C ARG B 199 15.19 -1.30 16.84
N PHE B 200 15.42 -1.45 15.54
CA PHE B 200 16.15 -2.54 14.96
C PHE B 200 17.64 -2.23 14.87
N GLY B 201 18.07 -1.14 15.50
CA GLY B 201 19.48 -0.82 15.62
C GLY B 201 20.13 -0.27 14.37
N LEU B 202 19.33 0.21 13.39
CA LEU B 202 19.89 0.68 12.13
C LEU B 202 20.52 2.06 12.30
N ASP B 203 21.68 2.22 11.70
CA ASP B 203 22.31 3.51 11.56
C ASP B 203 21.50 4.37 10.60
N LEU B 204 21.10 5.53 11.06
CA LEU B 204 20.38 6.50 10.21
C LEU B 204 21.25 7.55 9.57
N GLU B 205 22.57 7.50 9.82
CA GLU B 205 23.45 8.42 9.14
C GLU B 205 23.28 8.46 7.62
N PRO B 206 23.08 7.30 6.95
CA PRO B 206 22.96 7.36 5.49
C PRO B 206 21.75 8.05 4.90
N TYR B 207 20.87 8.57 5.77
CA TYR B 207 19.63 9.21 5.30
C TYR B 207 19.52 10.62 5.87
N PRO B 208 20.45 11.53 5.44
CA PRO B 208 20.45 12.84 6.06
C PRO B 208 19.18 13.67 5.81
N THR B 209 18.63 13.56 4.62
CA THR B 209 17.39 14.30 4.36
C THR B 209 16.25 13.79 5.24
N LEU B 210 16.15 12.46 5.36
CA LEU B 210 15.08 11.92 6.21
C LEU B 210 15.28 12.41 7.65
N ARG B 211 16.53 12.44 8.11
CA ARG B 211 16.77 12.85 9.47
C ARG B 211 16.44 14.32 9.71
N ARG B 212 16.78 15.20 8.76
CA ARG B 212 16.52 16.62 8.88
C ARG B 212 14.99 16.85 8.91
N VAL B 213 14.27 16.13 8.07
CA VAL B 213 12.80 16.23 8.06
C VAL B 213 12.21 15.73 9.37
N ASP B 214 12.69 14.60 9.86
CA ASP B 214 12.24 14.05 11.14
C ASP B 214 12.42 15.07 12.27
N GLU B 215 13.57 15.72 12.28
CA GLU B 215 13.86 16.76 13.31
C GLU B 215 12.93 17.97 13.19
N ALA B 216 12.60 18.37 11.98
CA ALA B 216 11.64 19.47 11.77
C ALA B 216 10.25 19.09 12.26
N CYS B 217 9.88 17.82 12.05
CA CYS B 217 8.56 17.37 12.48
C CYS B 217 8.53 17.26 14.01
N ALA B 218 9.62 16.79 14.60
CA ALA B 218 9.64 16.49 16.03
C ALA B 218 9.37 17.74 16.85
N ALA B 219 9.71 18.89 16.29
CA ALA B 219 9.56 20.18 16.96
C ALA B 219 8.10 20.63 17.05
N LEU B 220 7.20 19.96 16.32
CA LEU B 220 5.81 20.42 16.18
C LEU B 220 4.92 19.75 17.18
N ALA B 221 4.03 20.51 17.81
CA ALA B 221 3.14 19.98 18.82
C ALA B 221 2.33 18.76 18.41
N PRO B 222 1.82 18.74 17.17
CA PRO B 222 1.05 17.53 16.79
C PRO B 222 1.91 16.28 16.78
N PHE B 223 3.16 16.40 16.33
CA PHE B 223 4.01 15.23 16.30
C PHE B 223 4.31 14.77 17.70
N GLN B 224 4.57 15.73 18.60
CA GLN B 224 4.81 15.39 20.00
C GLN B 224 3.61 14.67 20.61
N ALA B 225 2.39 15.10 20.26
CA ALA B 225 1.20 14.50 20.83
C ALA B 225 0.97 13.07 20.36
N ALA B 226 1.36 12.80 19.11
CA ALA B 226 1.10 11.50 18.48
C ALA B 226 2.11 10.41 18.84
N HIS B 227 3.25 10.82 19.41
CA HIS B 227 4.39 9.94 19.65
C HIS B 227 3.99 8.81 20.60
N PRO B 228 4.51 7.58 20.36
CA PRO B 228 4.22 6.47 21.29
C PRO B 228 4.26 6.79 22.77
N ASP B 229 5.23 7.60 23.22
CA ASP B 229 5.43 7.75 24.66
C ASP B 229 4.31 8.59 25.29
N ARG B 230 3.52 9.32 24.49
CA ARG B 230 2.42 10.15 24.99
C ARG B 230 1.07 9.42 25.00
N GLN B 231 1.04 8.16 24.54
CA GLN B 231 -0.24 7.52 24.41
C GLN B 231 -0.68 6.86 25.73
N PRO B 232 -2.01 6.67 25.89
CA PRO B 232 -2.45 6.21 27.20
C PRO B 232 -1.93 4.84 27.57
N ASP B 233 -1.67 4.00 26.57
CA ASP B 233 -1.17 2.66 26.78
C ASP B 233 0.34 2.48 26.83
N ALA B 234 1.10 3.59 26.73
CA ALA B 234 2.54 3.52 26.87
C ALA B 234 2.89 3.09 28.30
N PRO B 235 3.95 2.28 28.46
CA PRO B 235 4.51 1.96 29.80
C PRO B 235 4.83 3.22 30.61
N PRO B 236 4.67 3.14 31.94
CA PRO B 236 4.91 4.23 32.88
C PRO B 236 6.04 5.20 32.48
OC1 TGG C . 2.28 -0.82 -6.08
CO1 TGG C . 3.43 -0.66 -6.39
OT1 TGG C . 3.79 -0.05 -7.41
CA1 TGG C . 4.48 -1.18 -5.42
NN1 TGG C . 3.88 -1.27 -4.07
CB1 TGG C . 4.91 -2.58 -5.85
CG1 TGG C . 5.91 -2.58 -6.99
CD1 TGG C . 6.59 -3.92 -7.20
OE1 TGG C . 6.60 -4.77 -6.32
NN2 TGG C . 7.12 -4.04 -8.41
CA2 TGG C . 7.82 -5.23 -8.88
CO2 TGG C . 9.15 -4.83 -9.44
OC2 TGG C . 9.22 -3.86 -10.14
NN3 TGG C . 10.19 -5.60 -9.21
CA3 TGG C . 11.48 -5.34 -9.81
CO3 TGG C . 12.39 -4.53 -8.94
OC3 TGG C . 11.95 -4.02 -7.87
OT3 TGG C . 13.58 -4.40 -9.34
CB2 TGG C . 6.93 -5.87 -9.97
SG2 TGG C . 5.58 -6.85 -9.29
CD2 TGG C . 6.30 -8.50 -9.18
CE2 TGG C . 7.73 -8.48 -8.59
OE2 TGG C . 7.90 -8.48 -7.35
OF2 TGG C . 8.73 -8.49 -9.34
CF2 TGG C . 5.44 -9.47 -8.38
CH2 TGG C . 3.97 -9.41 -8.75
OI2 TGG C . 3.20 -8.89 -7.89
OJ2 TGG C . 3.51 -9.87 -9.84
C1 CIT D . 10.60 -15.33 -12.69
O1 CIT D . 9.52 -15.97 -12.73
O2 CIT D . 11.68 -15.83 -12.30
C2 CIT D . 10.61 -13.89 -13.17
C3 CIT D . 9.71 -13.04 -12.27
O7 CIT D . 10.06 -13.30 -10.88
C4 CIT D . 9.91 -11.57 -12.60
C5 CIT D . 9.16 -10.66 -11.66
O3 CIT D . 7.91 -10.73 -11.65
O4 CIT D . 9.84 -9.86 -10.95
C6 CIT D . 8.28 -13.44 -12.49
O5 CIT D . 7.61 -13.87 -11.50
O6 CIT D . 7.86 -13.44 -13.68
OC1 TGG E . -3.07 -0.03 8.25
CO1 TGG E . -2.10 -0.24 7.49
OT1 TGG E . -1.40 0.68 6.99
CA1 TGG E . -1.69 -1.66 7.16
NN1 TGG E . -1.00 -1.67 5.86
CB1 TGG E . -0.70 -2.20 8.20
CG1 TGG E . -1.33 -2.57 9.53
CD1 TGG E . -0.42 -3.39 10.45
OE1 TGG E . 0.56 -3.98 10.03
NN2 TGG E . -0.87 -3.45 11.73
CA2 TGG E . -0.19 -4.20 12.79
CO2 TGG E . -1.23 -5.09 13.41
OC2 TGG E . -2.29 -4.68 13.81
NN3 TGG E . -0.87 -6.37 13.57
CA3 TGG E . -1.74 -7.30 14.27
CO3 TGG E . -2.50 -8.33 13.46
OC3 TGG E . -3.30 -9.08 14.08
OT3 TGG E . -2.34 -8.38 12.25
CB2 TGG E . 0.41 -3.22 13.79
SG2 TGG E . 1.85 -2.34 13.17
CD2 TGG E . 3.16 -3.34 14.00
CE2 TGG E . 2.98 -4.88 14.13
OE2 TGG E . 2.83 -5.28 15.30
OF2 TGG E . 3.08 -5.71 13.18
CF2 TGG E . 4.51 -3.18 13.35
CH2 TGG E . 4.75 -1.67 13.22
OI2 TGG E . 5.08 -0.98 14.22
OJ2 TGG E . 4.81 -1.27 12.05
C1 GOL F . 5.54 -4.61 20.61
O1 GOL F . 5.76 -3.44 21.39
C2 GOL F . 5.93 -4.47 19.13
O2 GOL F . 5.54 -3.18 18.63
C3 GOL F . 5.20 -5.53 18.31
O3 GOL F . 6.13 -6.51 17.84
#